data_6OSU
#
_entry.id   6OSU
#
_cell.length_a   40.780
_cell.length_b   131.570
_cell.length_c   46.060
_cell.angle_alpha   90.00
_cell.angle_beta   107.36
_cell.angle_gamma   90.00
#
_symmetry.space_group_name_H-M   'P 1 21 1'
#
loop_
_entity.id
_entity.type
_entity.pdbx_description
1 polymer 'D-alanyl-D-alanine carboxypeptidase (Penicillin binding protein) family protein'
2 non-polymer 'CHLORIDE ION'
3 non-polymer 1,2-ETHANEDIOL
4 water water
#
_entity_poly.entity_id   1
_entity_poly.type   'polypeptide(L)'
_entity_poly.pdbx_seq_one_letter_code
;SNAAPNISAYSDPYFNGANGLAQKDIIIRPANIELDAPAWVTMDYRTGDIVSEKNMDVRRAPASLTKIMTSYIVASEIKA
GNLSWDTMIPISENAASTGGSKMYVKAGAKVSVRNLVTGMDVVSGNDATIALAEYIGGTTQAFTDLMNQTAKAIGMNNTH
FANPDGLPGGEQYTTAHDMALLARSYIYNFPEAYKVYDDKGLVWNATKQDSVSIADRKQCLPKFDRATGNVIESYTVKDL
DDQAKDKCNKLFPKGDNFVLQNNRNRLLFTFDGADGMKTGHTDAAGYCLVSSAKQDGERFISVVLGTTSSAKRDSESAKL
LRYALSKYENVLLYKANSPVTISADNIPNAKAGQKLTVASNQNIYKTVPKTYVPYLKQGIEFNPNLNAPIKTGQTVGNLV
ITLGDTKEEIASIPVVAMNNVSQKGWW
;
_entity_poly.pdbx_strand_id   A
#
# COMPACT_ATOMS: atom_id res chain seq x y z
N ASP A 12 34.86 19.01 -39.32
CA ASP A 12 36.02 19.70 -38.76
C ASP A 12 37.30 18.98 -39.13
N PRO A 13 38.13 19.60 -39.97
CA PRO A 13 39.41 19.00 -40.35
C PRO A 13 40.51 19.18 -39.32
N TYR A 14 40.25 19.89 -38.23
CA TYR A 14 41.26 20.19 -37.23
C TYR A 14 41.04 19.40 -35.94
N PHE A 15 40.52 18.19 -36.06
CA PHE A 15 40.35 17.29 -34.92
C PHE A 15 40.27 15.86 -35.43
N ASN A 16 41.06 14.97 -34.83
CA ASN A 16 41.10 13.57 -35.22
C ASN A 16 40.19 12.73 -34.33
N GLY A 17 39.30 11.96 -34.96
CA GLY A 17 38.51 10.97 -34.25
C GLY A 17 37.47 11.51 -33.28
N ALA A 18 36.71 12.52 -33.72
CA ALA A 18 35.68 13.07 -32.84
C ALA A 18 34.55 12.07 -32.61
N ASN A 19 34.21 11.29 -33.62
CA ASN A 19 33.11 10.33 -33.48
C ASN A 19 33.46 9.22 -32.48
N GLY A 20 34.72 8.76 -32.49
CA GLY A 20 35.15 7.82 -31.48
C GLY A 20 35.41 8.42 -30.12
N LEU A 21 35.70 9.73 -30.08
CA LEU A 21 35.94 10.40 -28.81
C LEU A 21 34.64 10.75 -28.11
N ALA A 22 33.56 10.94 -28.86
CA ALA A 22 32.26 11.25 -28.27
C ALA A 22 31.81 10.13 -27.36
N GLN A 23 31.27 10.50 -26.19
CA GLN A 23 30.88 9.55 -25.16
C GLN A 23 29.37 9.39 -25.15
N LYS A 24 28.90 8.21 -25.53
CA LYS A 24 27.50 7.87 -25.31
C LYS A 24 27.21 7.84 -23.82
N ASP A 25 26.02 8.27 -23.44
CA ASP A 25 25.62 8.21 -22.04
C ASP A 25 25.55 6.75 -21.60
N ILE A 26 26.04 6.49 -20.39
CA ILE A 26 26.06 5.14 -19.83
C ILE A 26 24.78 4.95 -19.04
N ILE A 27 24.01 3.91 -19.39
CA ILE A 27 22.76 3.61 -18.69
C ILE A 27 23.08 3.12 -17.29
N ILE A 28 22.45 3.74 -16.29
CA ILE A 28 22.67 3.40 -14.90
C ILE A 28 21.55 2.46 -14.45
N ARG A 29 21.92 1.22 -14.11
N ARG A 29 21.92 1.25 -14.08
CA ARG A 29 20.90 0.35 -13.54
CA ARG A 29 20.89 0.38 -13.55
C ARG A 29 20.73 0.67 -12.05
C ARG A 29 20.74 0.62 -12.05
N PRO A 30 19.51 0.59 -11.53
CA PRO A 30 19.33 0.78 -10.08
C PRO A 30 20.04 -0.32 -9.31
N ALA A 31 20.78 0.09 -8.27
CA ALA A 31 21.54 -0.87 -7.49
C ALA A 31 20.63 -1.67 -6.58
N ASN A 32 20.95 -2.95 -6.39
CA ASN A 32 20.17 -3.81 -5.51
C ASN A 32 20.36 -3.35 -4.07
N ILE A 33 19.28 -2.85 -3.46
CA ILE A 33 19.35 -2.28 -2.12
C ILE A 33 19.65 -3.40 -1.11
N GLU A 34 20.32 -3.02 -0.02
CA GLU A 34 20.67 -3.96 1.04
C GLU A 34 20.20 -3.42 2.38
N LEU A 35 19.33 -4.16 3.04
CA LEU A 35 18.93 -3.93 4.41
C LEU A 35 19.19 -5.21 5.21
N ASP A 36 19.18 -5.11 6.53
CA ASP A 36 19.29 -6.28 7.37
C ASP A 36 17.93 -6.78 7.86
N ALA A 37 16.85 -6.25 7.31
CA ALA A 37 15.54 -6.82 7.58
C ALA A 37 15.46 -8.21 6.96
N PRO A 38 14.93 -9.20 7.68
CA PRO A 38 14.80 -10.54 7.10
C PRO A 38 13.88 -10.60 5.89
N ALA A 39 13.00 -9.62 5.69
CA ALA A 39 12.10 -9.64 4.54
C ALA A 39 11.60 -8.24 4.26
N TRP A 40 11.40 -7.93 2.97
CA TRP A 40 10.80 -6.67 2.57
C TRP A 40 10.30 -6.78 1.14
N VAL A 41 9.45 -5.81 0.76
CA VAL A 41 8.98 -5.68 -0.61
C VAL A 41 8.60 -4.22 -0.84
N THR A 42 8.87 -3.73 -2.05
CA THR A 42 8.45 -2.41 -2.47
C THR A 42 7.69 -2.56 -3.79
N MET A 43 6.47 -2.04 -3.84
CA MET A 43 5.58 -2.23 -4.98
C MET A 43 4.99 -0.90 -5.40
N ASP A 44 4.90 -0.68 -6.70
CA ASP A 44 4.22 0.48 -7.24
C ASP A 44 2.70 0.26 -7.22
N TYR A 45 1.96 1.31 -6.87
CA TYR A 45 0.54 1.15 -6.60
C TYR A 45 -0.26 0.95 -7.89
N ARG A 46 0.02 1.76 -8.91
CA ARG A 46 -0.82 1.73 -10.10
C ARG A 46 -0.48 0.53 -10.99
N THR A 47 0.79 0.14 -11.09
CA THR A 47 1.16 -0.97 -11.94
C THR A 47 1.17 -2.30 -11.21
N GLY A 48 1.21 -2.29 -9.88
CA GLY A 48 1.46 -3.50 -9.13
C GLY A 48 2.87 -4.04 -9.26
N ASP A 49 3.74 -3.38 -10.01
CA ASP A 49 5.09 -3.86 -10.22
C ASP A 49 5.91 -3.83 -8.92
N ILE A 50 6.74 -4.84 -8.75
CA ILE A 50 7.66 -4.93 -7.63
C ILE A 50 9.02 -4.44 -8.09
N VAL A 51 9.55 -3.42 -7.41
CA VAL A 51 10.84 -2.83 -7.79
C VAL A 51 11.97 -3.22 -6.85
N SER A 52 11.67 -3.81 -5.69
CA SER A 52 12.68 -4.20 -4.72
C SER A 52 12.05 -5.18 -3.73
N GLU A 53 12.76 -6.26 -3.43
CA GLU A 53 12.25 -7.22 -2.46
C GLU A 53 13.36 -8.19 -2.06
N LYS A 54 13.26 -8.69 -0.83
CA LYS A 54 14.04 -9.84 -0.38
C LYS A 54 13.12 -10.74 0.42
N ASN A 55 13.15 -12.04 0.12
CA ASN A 55 12.40 -13.05 0.88
C ASN A 55 10.92 -12.71 0.94
N MET A 56 10.39 -12.10 -0.13
CA MET A 56 9.04 -11.54 -0.08
C MET A 56 7.95 -12.58 0.09
N ASP A 57 8.28 -13.87 -0.06
CA ASP A 57 7.32 -14.95 0.08
C ASP A 57 7.59 -15.84 1.29
N VAL A 58 8.56 -15.47 2.13
CA VAL A 58 8.87 -16.26 3.33
C VAL A 58 7.83 -15.94 4.40
N ARG A 59 7.29 -16.99 5.02
CA ARG A 59 6.22 -16.82 5.99
C ARG A 59 6.80 -16.38 7.33
N ARG A 60 6.30 -15.25 7.84
CA ARG A 60 6.70 -14.71 9.14
C ARG A 60 5.44 -14.34 9.91
N ALA A 61 5.63 -13.99 11.18
CA ALA A 61 4.49 -13.69 12.05
C ALA A 61 3.92 -12.32 11.69
N PRO A 62 2.59 -12.14 11.78
CA PRO A 62 2.00 -10.89 11.29
C PRO A 62 2.05 -9.74 12.29
N ALA A 63 1.94 -10.02 13.59
CA ALA A 63 1.86 -8.96 14.63
C ALA A 63 0.63 -8.11 14.32
N SER A 64 0.64 -6.80 14.60
CA SER A 64 -0.53 -5.96 14.42
C SER A 64 -0.83 -5.64 12.97
N LEU A 65 -0.02 -6.11 12.01
CA LEU A 65 -0.42 -5.99 10.61
C LEU A 65 -1.71 -6.74 10.35
N THR A 66 -2.03 -7.74 11.20
CA THR A 66 -3.33 -8.39 11.19
C THR A 66 -4.46 -7.36 11.20
N LYS A 67 -4.30 -6.28 11.96
CA LYS A 67 -5.34 -5.26 12.08
C LYS A 67 -5.67 -4.61 10.74
N ILE A 68 -4.79 -4.69 9.75
CA ILE A 68 -5.11 -4.15 8.43
C ILE A 68 -6.24 -4.94 7.79
N MET A 69 -6.18 -6.27 7.91
CA MET A 69 -7.25 -7.09 7.36
C MET A 69 -8.57 -6.84 8.11
N THR A 70 -8.50 -6.72 9.43
CA THR A 70 -9.70 -6.40 10.19
C THR A 70 -10.29 -5.07 9.75
N SER A 71 -9.43 -4.05 9.61
CA SER A 71 -9.88 -2.77 9.10
C SER A 71 -10.37 -2.88 7.66
N TYR A 72 -9.72 -3.74 6.86
CA TYR A 72 -10.15 -3.96 5.49
C TYR A 72 -11.59 -4.45 5.44
N ILE A 73 -11.94 -5.42 6.28
CA ILE A 73 -13.29 -5.96 6.28
C ILE A 73 -14.29 -4.92 6.78
N VAL A 74 -13.88 -4.09 7.75
CA VAL A 74 -14.75 -3.04 8.27
C VAL A 74 -15.11 -2.06 7.15
N ALA A 75 -14.11 -1.64 6.37
CA ALA A 75 -14.38 -0.73 5.26
C ALA A 75 -15.32 -1.35 4.25
N SER A 76 -15.14 -2.64 3.97
CA SER A 76 -15.97 -3.33 2.98
C SER A 76 -17.42 -3.37 3.42
N GLU A 77 -17.69 -3.61 4.71
CA GLU A 77 -19.07 -3.64 5.18
C GLU A 77 -19.70 -2.24 5.14
N ILE A 78 -18.90 -1.20 5.37
CA ILE A 78 -19.41 0.16 5.23
C ILE A 78 -19.77 0.45 3.78
N LYS A 79 -18.84 0.15 2.86
CA LYS A 79 -19.11 0.35 1.44
C LYS A 79 -20.32 -0.44 0.97
N ALA A 80 -20.57 -1.60 1.56
CA ALA A 80 -21.68 -2.46 1.15
C ALA A 80 -22.99 -2.08 1.83
N GLY A 81 -23.01 -1.10 2.73
CA GLY A 81 -24.23 -0.68 3.36
C GLY A 81 -24.66 -1.48 4.58
N ASN A 82 -23.92 -2.51 4.96
CA ASN A 82 -24.21 -3.26 6.18
C ASN A 82 -23.70 -2.57 7.43
N LEU A 83 -22.94 -1.50 7.27
CA LEU A 83 -22.36 -0.75 8.37
C LEU A 83 -22.21 0.69 7.89
N SER A 84 -22.17 1.62 8.85
CA SER A 84 -21.84 3.00 8.54
C SER A 84 -20.86 3.51 9.59
N TRP A 85 -20.15 4.58 9.23
CA TRP A 85 -19.23 5.20 10.18
C TRP A 85 -19.95 5.65 11.44
N ASP A 86 -21.24 5.98 11.34
CA ASP A 86 -22.03 6.48 12.46
C ASP A 86 -22.54 5.38 13.37
N THR A 87 -22.50 4.11 12.96
CA THR A 87 -23.08 3.03 13.75
C THR A 87 -22.42 2.95 15.12
N MET A 88 -23.24 2.76 16.15
CA MET A 88 -22.78 2.69 17.53
C MET A 88 -22.67 1.23 17.97
N ILE A 89 -21.45 0.80 18.28
CA ILE A 89 -21.18 -0.60 18.61
C ILE A 89 -21.11 -0.74 20.13
N PRO A 90 -21.79 -1.72 20.72
CA PRO A 90 -21.62 -1.97 22.15
C PRO A 90 -20.26 -2.58 22.43
N ILE A 91 -19.68 -2.21 23.57
CA ILE A 91 -18.39 -2.72 24.00
C ILE A 91 -18.64 -3.82 25.02
N SER A 92 -18.34 -5.05 24.65
CA SER A 92 -18.44 -6.16 25.59
C SER A 92 -17.34 -6.08 26.64
N GLU A 93 -17.54 -6.79 27.75
CA GLU A 93 -16.49 -6.89 28.75
C GLU A 93 -15.29 -7.63 28.21
N ASN A 94 -15.50 -8.55 27.27
CA ASN A 94 -14.37 -9.22 26.63
C ASN A 94 -13.50 -8.21 25.89
N ALA A 95 -14.12 -7.33 25.11
CA ALA A 95 -13.36 -6.34 24.35
C ALA A 95 -12.64 -5.38 25.28
N ALA A 96 -13.37 -4.79 26.24
CA ALA A 96 -12.79 -3.76 27.09
C ALA A 96 -11.60 -4.27 27.89
N SER A 97 -11.54 -5.57 28.16
CA SER A 97 -10.51 -6.14 29.03
C SER A 97 -9.35 -6.75 28.27
N THR A 98 -9.30 -6.61 26.95
CA THR A 98 -8.16 -7.14 26.20
C THR A 98 -6.92 -6.31 26.50
N GLY A 99 -5.81 -7.00 26.75
CA GLY A 99 -4.55 -6.33 27.03
C GLY A 99 -3.89 -5.80 25.78
N GLY A 100 -2.66 -5.35 25.96
CA GLY A 100 -1.93 -4.73 24.86
C GLY A 100 -2.31 -3.28 24.69
N SER A 101 -2.06 -2.76 23.49
CA SER A 101 -2.43 -1.38 23.17
C SER A 101 -3.94 -1.22 23.30
N LYS A 102 -4.35 -0.14 23.98
CA LYS A 102 -5.76 0.15 24.17
C LYS A 102 -6.06 1.55 23.66
N MET A 103 -7.29 1.74 23.19
CA MET A 103 -7.85 3.08 23.06
C MET A 103 -8.71 3.43 24.26
N TYR A 104 -8.94 2.47 25.17
CA TYR A 104 -9.60 2.67 26.45
C TYR A 104 -11.10 2.91 26.27
N VAL A 105 -11.76 1.97 25.60
CA VAL A 105 -13.22 1.90 25.55
C VAL A 105 -13.71 1.11 26.76
N LYS A 106 -14.81 1.56 27.34
CA LYS A 106 -15.35 0.94 28.54
C LYS A 106 -16.41 -0.09 28.19
N ALA A 107 -16.53 -1.11 29.05
CA ALA A 107 -17.56 -2.12 28.86
C ALA A 107 -18.94 -1.51 29.09
N GLY A 108 -19.89 -1.89 28.23
CA GLY A 108 -21.24 -1.38 28.31
C GLY A 108 -21.48 -0.07 27.60
N ALA A 109 -20.43 0.58 27.12
CA ALA A 109 -20.57 1.82 26.36
C ALA A 109 -20.81 1.53 24.88
N LYS A 110 -21.38 2.51 24.20
CA LYS A 110 -21.50 2.49 22.75
C LYS A 110 -20.46 3.44 22.17
N VAL A 111 -19.78 3.00 21.11
CA VAL A 111 -18.77 3.80 20.43
C VAL A 111 -19.00 3.68 18.93
N SER A 112 -18.85 4.79 18.22
CA SER A 112 -19.08 4.79 16.79
C SER A 112 -18.01 4.00 16.05
N VAL A 113 -18.35 3.55 14.84
CA VAL A 113 -17.37 2.87 14.00
C VAL A 113 -16.18 3.79 13.74
N ARG A 114 -16.46 5.06 13.42
CA ARG A 114 -15.38 5.99 13.13
C ARG A 114 -14.38 6.06 14.27
N ASN A 115 -14.87 6.12 15.51
CA ASN A 115 -13.97 6.15 16.66
C ASN A 115 -13.22 4.83 16.82
N LEU A 116 -13.93 3.69 16.68
CA LEU A 116 -13.29 2.39 16.86
C LEU A 116 -12.25 2.14 15.77
N VAL A 117 -12.56 2.50 14.52
CA VAL A 117 -11.60 2.32 13.45
C VAL A 117 -10.39 3.21 13.65
N THR A 118 -10.60 4.44 14.12
CA THR A 118 -9.49 5.32 14.43
C THR A 118 -8.61 4.72 15.53
N GLY A 119 -9.22 4.18 16.57
CA GLY A 119 -8.45 3.51 17.61
C GLY A 119 -7.66 2.35 17.07
N MET A 120 -8.27 1.55 16.18
CA MET A 120 -7.60 0.38 15.63
C MET A 120 -6.43 0.78 14.75
N ASP A 121 -6.63 1.75 13.85
CA ASP A 121 -5.61 2.09 12.87
C ASP A 121 -4.51 2.97 13.45
N VAL A 122 -4.87 3.96 14.27
CA VAL A 122 -3.92 4.97 14.72
C VAL A 122 -3.25 4.56 16.01
N VAL A 123 -4.01 3.98 16.93
CA VAL A 123 -3.53 3.63 18.26
C VAL A 123 -3.24 2.14 18.38
N SER A 124 -3.66 1.33 17.42
CA SER A 124 -3.48 -0.12 17.45
C SER A 124 -4.19 -0.75 18.65
N GLY A 125 -5.36 -0.18 19.00
CA GLY A 125 -6.06 -0.62 20.18
C GLY A 125 -6.68 -1.99 19.98
N ASN A 126 -6.33 -2.94 20.84
CA ASN A 126 -6.89 -4.28 20.71
C ASN A 126 -8.36 -4.32 21.14
N ASP A 127 -8.73 -3.53 22.14
CA ASP A 127 -10.13 -3.50 22.57
C ASP A 127 -11.04 -3.00 21.44
N ALA A 128 -10.59 -2.02 20.68
CA ALA A 128 -11.40 -1.53 19.55
C ALA A 128 -11.49 -2.58 18.45
N THR A 129 -10.37 -3.24 18.13
CA THR A 129 -10.38 -4.29 17.13
C THR A 129 -11.34 -5.41 17.51
N ILE A 130 -11.30 -5.84 18.78
CA ILE A 130 -12.16 -6.93 19.23
C ILE A 130 -13.63 -6.49 19.20
N ALA A 131 -13.89 -5.22 19.53
CA ALA A 131 -15.27 -4.75 19.53
C ALA A 131 -15.87 -4.72 18.13
N LEU A 132 -15.07 -4.35 17.13
CA LEU A 132 -15.54 -4.39 15.76
C LEU A 132 -15.72 -5.82 15.28
N ALA A 133 -14.81 -6.72 15.66
CA ALA A 133 -14.87 -8.10 15.20
C ALA A 133 -16.09 -8.81 15.77
N GLU A 134 -16.35 -8.65 17.07
CA GLU A 134 -17.53 -9.28 17.68
C GLU A 134 -18.83 -8.82 17.02
N TYR A 135 -18.88 -7.57 16.57
CA TYR A 135 -20.11 -7.03 16.00
C TYR A 135 -20.35 -7.55 14.59
N ILE A 136 -19.31 -7.55 13.76
CA ILE A 136 -19.46 -7.95 12.37
C ILE A 136 -19.59 -9.47 12.25
N GLY A 137 -18.86 -10.21 13.07
CA GLY A 137 -18.78 -11.65 12.90
C GLY A 137 -19.52 -12.47 13.95
N GLY A 138 -20.02 -11.82 15.00
CA GLY A 138 -20.64 -12.55 16.09
C GLY A 138 -19.65 -12.91 17.16
N THR A 139 -18.81 -13.90 16.87
CA THR A 139 -17.66 -14.24 17.71
C THR A 139 -16.38 -13.78 17.01
N THR A 140 -15.31 -13.69 17.78
CA THR A 140 -14.01 -13.40 17.16
C THR A 140 -13.52 -14.55 16.29
N GLN A 141 -13.86 -15.79 16.66
CA GLN A 141 -13.47 -16.95 15.84
C GLN A 141 -14.12 -16.87 14.46
N ALA A 142 -15.43 -16.61 14.41
CA ALA A 142 -16.11 -16.47 13.14
C ALA A 142 -15.52 -15.33 12.31
N PHE A 143 -15.15 -14.23 12.97
CA PHE A 143 -14.54 -13.12 12.23
C PHE A 143 -13.19 -13.51 11.67
N THR A 144 -12.42 -14.30 12.43
CA THR A 144 -11.13 -14.77 11.91
C THR A 144 -11.32 -15.62 10.67
N ASP A 145 -12.35 -16.47 10.66
CA ASP A 145 -12.67 -17.25 9.45
C ASP A 145 -12.97 -16.33 8.28
N LEU A 146 -13.71 -15.25 8.53
CA LEU A 146 -13.96 -14.28 7.47
C LEU A 146 -12.67 -13.63 7.00
N MET A 147 -11.76 -13.32 7.93
CA MET A 147 -10.47 -12.77 7.55
C MET A 147 -9.70 -13.71 6.63
N ASN A 148 -9.72 -15.01 6.94
CA ASN A 148 -8.97 -15.96 6.13
C ASN A 148 -9.62 -16.19 4.77
N GLN A 149 -10.95 -16.14 4.69
CA GLN A 149 -11.62 -16.20 3.39
C GLN A 149 -11.30 -14.98 2.55
N THR A 150 -11.37 -13.79 3.16
CA THR A 150 -11.07 -12.57 2.44
C THR A 150 -9.62 -12.57 1.94
N ALA A 151 -8.70 -13.11 2.75
CA ALA A 151 -7.31 -13.19 2.32
C ALA A 151 -7.15 -14.05 1.08
N LYS A 152 -7.83 -15.20 1.04
CA LYS A 152 -7.80 -16.04 -0.16
C LYS A 152 -8.37 -15.31 -1.36
N ALA A 153 -9.43 -14.51 -1.15
CA ALA A 153 -10.07 -13.81 -2.27
C ALA A 153 -9.18 -12.71 -2.83
N ILE A 154 -8.41 -12.03 -1.99
CA ILE A 154 -7.49 -11.01 -2.49
C ILE A 154 -6.30 -11.65 -3.21
N GLY A 155 -6.03 -12.92 -2.98
CA GLY A 155 -4.87 -13.57 -3.53
C GLY A 155 -3.70 -13.68 -2.58
N MET A 156 -3.92 -13.47 -1.29
CA MET A 156 -2.89 -13.65 -0.26
C MET A 156 -2.82 -15.14 0.06
N ASN A 157 -2.04 -15.88 -0.73
CA ASN A 157 -2.01 -17.33 -0.64
C ASN A 157 -1.05 -17.85 0.42
N ASN A 158 -0.26 -16.97 1.05
CA ASN A 158 0.64 -17.41 2.10
C ASN A 158 0.35 -16.65 3.38
N THR A 159 -0.92 -16.64 3.79
CA THR A 159 -1.38 -15.84 4.91
C THR A 159 -2.43 -16.62 5.68
N HIS A 160 -2.29 -16.67 7.00
CA HIS A 160 -3.30 -17.28 7.85
C HIS A 160 -3.33 -16.54 9.18
N PHE A 161 -4.48 -15.98 9.51
CA PHE A 161 -4.67 -15.24 10.75
C PHE A 161 -5.27 -16.16 11.81
N ALA A 162 -4.80 -15.99 13.05
CA ALA A 162 -5.32 -16.75 14.18
C ALA A 162 -6.31 -15.96 15.01
N ASN A 163 -6.38 -14.65 14.82
CA ASN A 163 -7.26 -13.80 15.60
C ASN A 163 -7.35 -12.45 14.89
N PRO A 164 -8.26 -11.57 15.34
CA PRO A 164 -8.44 -10.28 14.62
C PRO A 164 -7.42 -9.20 14.94
N ASP A 165 -6.61 -9.33 15.99
CA ASP A 165 -5.78 -8.22 16.43
C ASP A 165 -4.28 -8.48 16.35
N GLY A 166 -3.86 -9.69 16.02
CA GLY A 166 -2.44 -9.97 15.87
C GLY A 166 -1.70 -10.32 17.13
N LEU A 167 -2.42 -10.62 18.22
CA LEU A 167 -1.75 -11.07 19.43
C LEU A 167 -1.22 -12.49 19.24
N PRO A 168 0.00 -12.78 19.69
CA PRO A 168 0.62 -14.07 19.37
C PRO A 168 -0.16 -15.24 19.92
N GLY A 169 0.13 -16.42 19.36
CA GLY A 169 -0.57 -17.65 19.73
C GLY A 169 -1.28 -18.28 18.56
N GLY A 170 -1.22 -19.62 18.46
CA GLY A 170 -1.83 -20.35 17.37
C GLY A 170 -1.06 -20.22 16.07
N GLU A 171 -1.47 -20.93 15.03
CA GLU A 171 -0.81 -20.80 13.74
C GLU A 171 -1.15 -19.44 13.13
N GLN A 172 -0.12 -18.72 12.70
CA GLN A 172 -0.27 -17.29 12.43
C GLN A 172 0.90 -16.87 11.54
N TYR A 173 0.61 -16.45 10.31
CA TYR A 173 1.69 -16.02 9.43
C TYR A 173 1.16 -15.18 8.27
N THR A 174 2.07 -14.45 7.65
CA THR A 174 1.83 -13.75 6.41
C THR A 174 3.19 -13.56 5.73
N THR A 175 3.19 -12.85 4.61
CA THR A 175 4.42 -12.54 3.89
C THR A 175 4.41 -11.06 3.50
N ALA A 176 5.60 -10.55 3.20
CA ALA A 176 5.70 -9.15 2.77
C ALA A 176 4.95 -8.94 1.47
N HIS A 177 5.00 -9.92 0.57
CA HIS A 177 4.25 -9.82 -0.69
C HIS A 177 2.75 -9.83 -0.43
N ASP A 178 2.28 -10.73 0.43
CA ASP A 178 0.85 -10.80 0.74
C ASP A 178 0.37 -9.51 1.39
N MET A 179 1.18 -8.92 2.26
CA MET A 179 0.77 -7.68 2.92
C MET A 179 0.76 -6.50 1.96
N ALA A 180 1.65 -6.50 0.97
CA ALA A 180 1.60 -5.47 -0.06
C ALA A 180 0.36 -5.62 -0.94
N LEU A 181 -0.02 -6.86 -1.24
CA LEU A 181 -1.25 -7.09 -1.99
C LEU A 181 -2.45 -6.56 -1.23
N LEU A 182 -2.51 -6.83 0.08
CA LEU A 182 -3.62 -6.34 0.90
C LEU A 182 -3.65 -4.81 0.90
N ALA A 183 -2.49 -4.18 1.10
CA ALA A 183 -2.45 -2.72 1.14
C ALA A 183 -2.91 -2.11 -0.18
N ARG A 184 -2.42 -2.64 -1.30
CA ARG A 184 -2.82 -2.13 -2.61
C ARG A 184 -4.33 -2.23 -2.81
N SER A 185 -4.92 -3.37 -2.44
CA SER A 185 -6.37 -3.51 -2.52
C SER A 185 -7.07 -2.49 -1.63
N TYR A 186 -6.52 -2.24 -0.45
CA TYR A 186 -7.11 -1.29 0.49
C TYR A 186 -7.14 0.12 -0.09
N ILE A 187 -6.00 0.57 -0.63
CA ILE A 187 -5.94 1.90 -1.24
C ILE A 187 -6.99 2.04 -2.33
N TYR A 188 -7.16 0.99 -3.13
CA TYR A 188 -7.99 1.07 -4.32
C TYR A 188 -9.48 1.02 -3.96
N ASN A 189 -9.88 0.06 -3.13
CA ASN A 189 -11.30 -0.15 -2.88
C ASN A 189 -11.85 0.80 -1.84
N PHE A 190 -11.03 1.27 -0.90
CA PHE A 190 -11.51 2.04 0.26
C PHE A 190 -10.65 3.28 0.47
N PRO A 191 -10.72 4.24 -0.46
CA PRO A 191 -9.89 5.45 -0.31
C PRO A 191 -10.28 6.32 0.88
N GLU A 192 -11.56 6.38 1.25
CA GLU A 192 -11.95 7.19 2.40
C GLU A 192 -11.47 6.57 3.70
N ALA A 193 -11.73 5.28 3.89
CA ALA A 193 -11.25 4.60 5.10
C ALA A 193 -9.74 4.64 5.20
N TYR A 194 -9.04 4.62 4.06
CA TYR A 194 -7.59 4.64 4.11
C TYR A 194 -7.05 5.98 4.61
N LYS A 195 -7.82 7.07 4.47
CA LYS A 195 -7.37 8.36 4.97
C LYS A 195 -7.14 8.35 6.48
N VAL A 196 -7.76 7.42 7.21
CA VAL A 196 -7.61 7.38 8.66
C VAL A 196 -6.18 7.09 9.06
N TYR A 197 -5.44 6.35 8.22
CA TYR A 197 -4.07 5.97 8.57
C TYR A 197 -3.13 7.17 8.61
N ASP A 198 -3.53 8.31 8.06
CA ASP A 198 -2.71 9.51 8.09
C ASP A 198 -2.94 10.34 9.35
N ASP A 199 -3.85 9.93 10.24
CA ASP A 199 -4.09 10.66 11.48
C ASP A 199 -2.83 10.66 12.34
N LYS A 200 -2.44 11.86 12.80
CA LYS A 200 -1.23 11.97 13.61
C LYS A 200 -1.41 11.37 15.00
N GLY A 201 -2.63 11.37 15.52
CA GLY A 201 -2.87 10.84 16.85
C GLY A 201 -4.35 10.79 17.16
N LEU A 202 -4.64 10.49 18.42
CA LEU A 202 -6.02 10.34 18.89
C LEU A 202 -6.19 11.07 20.20
N VAL A 203 -7.07 12.06 20.22
CA VAL A 203 -7.47 12.76 21.44
C VAL A 203 -8.80 12.14 21.87
N TRP A 204 -8.77 11.39 22.96
CA TRP A 204 -9.87 10.49 23.34
C TRP A 204 -10.41 10.90 24.70
N ASN A 205 -11.70 11.25 24.74
CA ASN A 205 -12.40 11.54 26.00
C ASN A 205 -12.92 10.22 26.55
N ALA A 206 -12.20 9.66 27.52
CA ALA A 206 -12.62 8.38 28.08
C ALA A 206 -13.88 8.50 28.91
N THR A 207 -14.16 9.69 29.45
CA THR A 207 -15.37 9.87 30.25
C THR A 207 -16.62 9.78 29.39
N LYS A 208 -16.69 10.59 28.34
CA LYS A 208 -17.83 10.55 27.41
C LYS A 208 -17.73 9.42 26.40
N GLN A 209 -16.58 8.76 26.29
CA GLN A 209 -16.33 7.74 25.27
C GLN A 209 -16.56 8.32 23.87
N ASP A 210 -15.79 9.37 23.57
CA ASP A 210 -15.79 9.99 22.26
C ASP A 210 -14.47 10.73 22.09
N SER A 211 -14.16 11.07 20.84
CA SER A 211 -12.91 11.73 20.51
C SER A 211 -13.11 13.22 20.26
N VAL A 212 -12.00 13.93 20.15
CA VAL A 212 -11.99 15.34 19.81
C VAL A 212 -10.97 15.58 18.71
N SER A 213 -11.35 16.36 17.71
CA SER A 213 -10.43 16.71 16.63
C SER A 213 -9.13 17.29 17.19
N ILE A 214 -8.01 16.85 16.62
CA ILE A 214 -6.72 17.39 17.01
C ILE A 214 -6.67 18.89 16.73
N ALA A 215 -7.31 19.33 15.65
CA ALA A 215 -7.39 20.76 15.37
C ALA A 215 -8.16 21.49 16.45
N ASP A 216 -9.22 20.87 16.99
CA ASP A 216 -9.94 21.49 18.10
C ASP A 216 -9.09 21.57 19.35
N ARG A 217 -8.13 20.64 19.51
CA ARG A 217 -7.25 20.71 20.67
C ARG A 217 -6.26 21.86 20.53
N LYS A 218 -5.69 22.04 19.33
CA LYS A 218 -4.73 23.12 19.13
C LYS A 218 -5.37 24.50 19.22
N GLN A 219 -6.68 24.60 19.01
CA GLN A 219 -7.37 25.87 19.22
C GLN A 219 -7.46 26.20 20.70
N CYS A 220 -7.89 25.24 21.51
CA CYS A 220 -8.09 25.50 22.94
C CYS A 220 -6.81 25.30 23.73
N LEU A 221 -6.01 24.29 23.35
CA LEU A 221 -4.83 23.87 24.11
C LEU A 221 -5.21 23.59 25.55
N PRO A 222 -5.98 22.54 25.82
CA PRO A 222 -6.42 22.28 27.19
C PRO A 222 -5.26 21.86 28.08
N LYS A 223 -5.49 21.99 29.38
CA LYS A 223 -4.50 21.59 30.38
C LYS A 223 -4.92 20.26 30.99
N PHE A 224 -4.04 19.27 30.90
CA PHE A 224 -4.30 17.93 31.42
C PHE A 224 -3.37 17.64 32.58
N ASP A 225 -3.91 17.04 33.63
CA ASP A 225 -3.08 16.52 34.71
C ASP A 225 -2.14 15.45 34.16
N ARG A 226 -0.85 15.59 34.47
CA ARG A 226 0.14 14.66 33.93
C ARG A 226 -0.10 13.25 34.43
N ALA A 227 -0.51 13.10 35.69
CA ALA A 227 -0.57 11.78 36.32
C ALA A 227 -1.88 11.04 36.01
N THR A 228 -2.98 11.76 35.83
CA THR A 228 -4.28 11.13 35.66
C THR A 228 -4.93 11.39 34.30
N GLY A 229 -4.38 12.29 33.49
CA GLY A 229 -5.05 12.64 32.25
C GLY A 229 -6.32 13.44 32.42
N ASN A 230 -6.68 13.80 33.65
CA ASN A 230 -7.85 14.61 33.90
C ASN A 230 -7.61 16.04 33.46
N VAL A 231 -8.58 16.61 32.74
CA VAL A 231 -8.48 17.98 32.28
C VAL A 231 -8.58 18.91 33.49
N ILE A 232 -7.60 19.81 33.61
CA ILE A 232 -7.58 20.83 34.64
C ILE A 232 -8.17 22.14 34.13
N GLU A 233 -7.69 22.59 32.97
CA GLU A 233 -8.20 23.80 32.32
C GLU A 233 -8.77 23.45 30.96
N SER A 234 -9.99 23.92 30.69
CA SER A 234 -10.60 23.71 29.38
C SER A 234 -9.81 24.45 28.30
N TYR A 235 -9.45 25.70 28.56
CA TYR A 235 -8.66 26.49 27.63
C TYR A 235 -7.45 27.08 28.33
N THR A 236 -6.34 27.17 27.58
CA THR A 236 -5.13 27.84 28.05
C THR A 236 -4.79 29.07 27.21
N VAL A 237 -5.46 29.28 26.08
CA VAL A 237 -5.16 30.39 25.19
C VAL A 237 -5.55 31.70 25.86
N LYS A 238 -4.72 32.73 25.67
CA LYS A 238 -4.92 34.00 26.38
C LYS A 238 -6.14 34.75 25.85
N ASP A 239 -6.30 34.83 24.54
CA ASP A 239 -7.40 35.57 23.92
C ASP A 239 -8.25 34.61 23.09
N LEU A 240 -9.52 34.51 23.46
CA LEU A 240 -10.47 33.68 22.72
C LEU A 240 -11.84 34.35 22.77
N ASP A 241 -12.64 34.09 21.74
CA ASP A 241 -14.01 34.59 21.72
C ASP A 241 -14.85 33.89 22.77
N ASP A 242 -15.88 34.58 23.24
CA ASP A 242 -16.73 34.03 24.30
C ASP A 242 -17.42 32.75 23.84
N GLN A 243 -17.81 32.68 22.56
CA GLN A 243 -18.49 31.49 22.07
C GLN A 243 -17.51 30.38 21.70
N ALA A 244 -16.33 30.74 21.18
CA ALA A 244 -15.28 29.75 21.00
C ALA A 244 -14.76 29.24 22.35
N LYS A 245 -14.83 30.08 23.39
CA LYS A 245 -14.49 29.62 24.73
C LYS A 245 -15.45 28.53 25.21
N ASP A 246 -16.74 28.70 24.95
CA ASP A 246 -17.72 27.71 25.39
C ASP A 246 -17.59 26.41 24.62
N LYS A 247 -17.14 26.47 23.37
CA LYS A 247 -16.90 25.23 22.64
C LYS A 247 -15.68 24.50 23.19
N CYS A 248 -14.71 25.25 23.75
CA CYS A 248 -13.65 24.61 24.52
C CYS A 248 -14.21 23.97 25.78
N ASN A 249 -15.25 24.55 26.37
CA ASN A 249 -15.81 24.01 27.59
C ASN A 249 -16.65 22.76 27.34
N LYS A 250 -17.28 22.68 26.16
CA LYS A 250 -18.09 21.50 25.84
C LYS A 250 -17.22 20.34 25.37
N LEU A 251 -16.20 20.61 24.55
CA LEU A 251 -15.34 19.55 24.04
C LEU A 251 -14.36 19.06 25.09
N PHE A 252 -13.91 19.94 25.98
CA PHE A 252 -13.01 19.59 27.07
C PHE A 252 -13.63 20.07 28.38
N PRO A 253 -14.58 19.32 28.93
CA PRO A 253 -15.19 19.73 30.20
C PRO A 253 -14.18 19.77 31.34
N LYS A 254 -14.62 20.02 32.56
CA LYS A 254 -13.73 20.08 33.71
C LYS A 254 -13.84 18.78 34.50
N GLY A 255 -12.74 18.03 34.55
CA GLY A 255 -12.69 16.77 35.26
C GLY A 255 -12.82 15.54 34.39
N ASP A 256 -13.13 15.70 33.10
CA ASP A 256 -13.23 14.57 32.20
C ASP A 256 -11.86 13.94 31.96
N ASN A 257 -11.83 12.61 31.93
CA ASN A 257 -10.57 11.89 31.73
C ASN A 257 -10.27 11.77 30.24
N PHE A 258 -9.06 12.16 29.87
CA PHE A 258 -8.62 12.12 28.49
C PHE A 258 -7.37 11.28 28.35
N VAL A 259 -7.32 10.46 27.30
CA VAL A 259 -6.13 9.72 26.91
C VAL A 259 -5.65 10.29 25.59
N LEU A 260 -4.35 10.56 25.51
CA LEU A 260 -3.73 11.19 24.34
C LEU A 260 -2.62 10.28 23.84
N GLN A 261 -2.73 9.83 22.59
CA GLN A 261 -1.74 8.93 22.00
C GLN A 261 -1.42 9.40 20.59
N ASN A 262 -0.14 9.27 20.22
CA ASN A 262 0.29 9.52 18.86
C ASN A 262 0.19 8.26 18.02
N ASN A 263 0.02 8.46 16.72
CA ASN A 263 0.25 7.38 15.78
C ASN A 263 1.73 7.01 15.81
N ARG A 264 2.00 5.72 16.02
CA ARG A 264 3.38 5.27 16.18
C ARG A 264 4.07 4.97 14.86
N ASN A 265 3.43 5.30 13.74
CA ASN A 265 4.11 5.27 12.45
C ASN A 265 4.89 6.58 12.33
N ARG A 266 6.17 6.52 12.69
CA ARG A 266 6.99 7.73 12.70
C ARG A 266 7.10 8.36 11.32
N LEU A 267 6.91 7.57 10.26
CA LEU A 267 7.06 8.08 8.90
C LEU A 267 6.10 9.22 8.60
N LEU A 268 4.93 9.23 9.26
CA LEU A 268 3.98 10.32 9.04
C LEU A 268 4.61 11.68 9.32
N PHE A 269 5.46 11.75 10.33
CA PHE A 269 6.06 13.02 10.73
C PHE A 269 7.37 13.31 10.01
N THR A 270 8.11 12.27 9.61
CA THR A 270 9.45 12.43 9.06
C THR A 270 9.50 12.36 7.53
N PHE A 271 8.80 11.41 6.93
CA PHE A 271 8.89 11.17 5.49
C PHE A 271 7.87 12.03 4.75
N ASP A 272 8.35 12.85 3.82
CA ASP A 272 7.46 13.73 3.06
C ASP A 272 6.58 12.91 2.12
N GLY A 273 5.26 13.08 2.25
CA GLY A 273 4.32 12.39 1.39
C GLY A 273 3.85 11.04 1.90
N ALA A 274 4.29 10.61 3.07
CA ALA A 274 3.85 9.35 3.63
C ALA A 274 2.48 9.52 4.28
N ASP A 275 1.55 8.63 3.93
CA ASP A 275 0.20 8.67 4.49
C ASP A 275 -0.24 7.34 5.09
N GLY A 276 0.67 6.38 5.23
CA GLY A 276 0.31 5.08 5.78
C GLY A 276 1.56 4.32 6.18
N MET A 277 1.35 3.17 6.81
CA MET A 277 0.01 2.62 7.04
C MET A 277 -0.13 2.10 8.47
N LYS A 278 0.65 1.08 8.82
CA LYS A 278 0.45 0.35 10.06
C LYS A 278 1.75 -0.28 10.54
N THR A 279 1.96 -0.24 11.85
CA THR A 279 3.09 -0.88 12.50
C THR A 279 2.62 -2.11 13.26
N GLY A 280 3.59 -2.90 13.71
CA GLY A 280 3.33 -4.06 14.53
C GLY A 280 4.60 -4.61 15.14
N HIS A 281 4.51 -5.21 16.32
CA HIS A 281 5.69 -5.77 16.97
C HIS A 281 5.29 -6.90 17.91
N THR A 282 5.79 -8.10 17.64
CA THR A 282 5.85 -9.18 18.60
C THR A 282 7.27 -9.72 18.59
N ASP A 283 7.59 -10.55 19.59
CA ASP A 283 8.91 -11.17 19.62
C ASP A 283 9.12 -12.09 18.43
N ALA A 284 8.05 -12.76 17.96
CA ALA A 284 8.19 -13.67 16.84
C ALA A 284 8.26 -12.93 15.51
N ALA A 285 7.65 -11.75 15.42
CA ALA A 285 7.59 -11.02 14.16
C ALA A 285 8.63 -9.92 14.05
N GLY A 286 9.20 -9.46 15.16
CA GLY A 286 10.05 -8.29 15.12
C GLY A 286 9.23 -7.03 14.89
N TYR A 287 9.95 -5.95 14.60
CA TYR A 287 9.32 -4.67 14.29
C TYR A 287 8.98 -4.65 12.81
N CYS A 288 7.71 -4.45 12.49
CA CYS A 288 7.22 -4.49 11.12
C CYS A 288 6.51 -3.20 10.77
N LEU A 289 6.52 -2.87 9.48
CA LEU A 289 5.85 -1.66 8.99
C LEU A 289 5.34 -1.90 7.59
N VAL A 290 4.05 -1.68 7.39
CA VAL A 290 3.47 -1.48 6.07
C VAL A 290 3.33 0.03 5.89
N SER A 291 4.00 0.57 4.89
CA SER A 291 4.01 2.02 4.68
C SER A 291 3.75 2.34 3.22
N SER A 292 3.24 3.54 2.98
CA SER A 292 2.97 4.02 1.64
C SER A 292 3.27 5.50 1.56
N ALA A 293 3.88 5.92 0.46
CA ALA A 293 4.23 7.31 0.25
C ALA A 293 3.90 7.69 -1.19
N LYS A 294 3.37 8.89 -1.37
CA LYS A 294 2.98 9.42 -2.68
C LYS A 294 3.73 10.71 -2.94
N GLN A 295 4.29 10.84 -4.13
CA GLN A 295 4.98 12.07 -4.53
C GLN A 295 4.77 12.28 -6.02
N ASP A 296 3.98 13.30 -6.36
CA ASP A 296 3.68 13.65 -7.75
C ASP A 296 3.05 12.47 -8.50
N GLY A 297 1.89 12.05 -7.99
CA GLY A 297 1.07 11.05 -8.64
C GLY A 297 1.62 9.64 -8.55
N GLU A 298 2.84 9.50 -8.03
CA GLU A 298 3.53 8.22 -7.96
C GLU A 298 3.51 7.73 -6.51
N ARG A 299 2.73 6.67 -6.26
CA ARG A 299 2.60 6.10 -4.93
C ARG A 299 3.27 4.72 -4.89
N PHE A 300 4.04 4.49 -3.83
CA PHE A 300 4.67 3.20 -3.60
C PHE A 300 4.22 2.62 -2.28
N ILE A 301 4.19 1.29 -2.22
CA ILE A 301 3.85 0.56 -1.01
C ILE A 301 5.06 -0.26 -0.59
N SER A 302 5.46 -0.13 0.67
CA SER A 302 6.60 -0.86 1.21
C SER A 302 6.16 -1.63 2.44
N VAL A 303 6.63 -2.87 2.54
CA VAL A 303 6.46 -3.70 3.72
C VAL A 303 7.84 -4.13 4.18
N VAL A 304 8.13 -3.92 5.46
CA VAL A 304 9.38 -4.37 6.08
C VAL A 304 9.01 -5.22 7.28
N LEU A 305 9.62 -6.40 7.39
CA LEU A 305 9.27 -7.37 8.42
C LEU A 305 10.53 -7.80 9.17
N GLY A 306 10.42 -7.86 10.49
CA GLY A 306 11.43 -8.51 11.30
C GLY A 306 12.65 -7.70 11.67
N THR A 307 12.60 -6.37 11.58
CA THR A 307 13.73 -5.59 12.02
C THR A 307 13.89 -5.70 13.54
N THR A 308 15.12 -5.44 14.00
CA THR A 308 15.47 -5.62 15.40
C THR A 308 15.20 -4.38 16.25
N SER A 309 14.67 -3.31 15.66
CA SER A 309 14.38 -2.10 16.41
C SER A 309 13.38 -1.26 15.62
N SER A 310 12.62 -0.44 16.34
CA SER A 310 11.70 0.47 15.67
C SER A 310 12.46 1.50 14.85
N ALA A 311 13.61 1.94 15.33
CA ALA A 311 14.42 2.91 14.60
C ALA A 311 14.90 2.33 13.26
N LYS A 312 15.29 1.06 13.26
CA LYS A 312 15.67 0.41 12.01
C LYS A 312 14.44 0.18 11.13
N ARG A 313 13.31 -0.19 11.74
CA ARG A 313 12.06 -0.33 11.00
C ARG A 313 11.72 0.94 10.23
N ASP A 314 11.87 2.10 10.88
CA ASP A 314 11.60 3.36 10.22
C ASP A 314 12.72 3.76 9.27
N SER A 315 13.97 3.50 9.66
CA SER A 315 15.11 3.82 8.80
C SER A 315 15.05 3.03 7.50
N GLU A 316 14.83 1.72 7.59
CA GLU A 316 14.91 0.87 6.41
C GLU A 316 13.69 1.04 5.50
N SER A 317 12.53 1.34 6.08
CA SER A 317 11.36 1.62 5.25
C SER A 317 11.54 2.92 4.47
N ALA A 318 12.07 3.95 5.11
CA ALA A 318 12.29 5.22 4.43
C ALA A 318 13.29 5.06 3.30
N LYS A 319 14.32 4.23 3.50
CA LYS A 319 15.28 3.97 2.44
C LYS A 319 14.61 3.35 1.21
N LEU A 320 13.70 2.39 1.44
CA LEU A 320 13.02 1.75 0.31
C LEU A 320 12.11 2.74 -0.41
N LEU A 321 11.30 3.50 0.33
CA LEU A 321 10.38 4.44 -0.30
C LEU A 321 11.14 5.53 -1.06
N ARG A 322 12.22 6.05 -0.47
CA ARG A 322 13.02 7.06 -1.14
C ARG A 322 13.68 6.50 -2.39
N TYR A 323 14.17 5.25 -2.32
CA TYR A 323 14.80 4.62 -3.46
C TYR A 323 13.82 4.45 -4.61
N ALA A 324 12.59 4.00 -4.32
CA ALA A 324 11.60 3.79 -5.38
C ALA A 324 11.12 5.11 -5.95
N LEU A 325 10.85 6.09 -5.10
CA LEU A 325 10.27 7.35 -5.57
C LEU A 325 11.25 8.18 -6.40
N SER A 326 12.55 8.02 -6.18
CA SER A 326 13.54 8.85 -6.83
C SER A 326 14.22 8.20 -8.03
N LYS A 327 14.07 6.89 -8.21
CA LYS A 327 14.76 6.20 -9.29
C LYS A 327 13.83 5.54 -10.29
N TYR A 328 12.51 5.57 -10.07
CA TYR A 328 11.57 4.85 -10.92
C TYR A 328 10.51 5.80 -11.46
N GLU A 329 9.64 5.26 -12.30
CA GLU A 329 8.76 6.05 -13.13
C GLU A 329 7.73 5.13 -13.76
N ASN A 330 6.49 5.60 -13.87
CA ASN A 330 5.43 4.87 -14.56
C ASN A 330 5.34 5.37 -15.99
N VAL A 331 5.44 4.45 -16.94
CA VAL A 331 5.42 4.78 -18.36
C VAL A 331 4.47 3.83 -19.07
N LEU A 332 3.62 4.38 -19.95
CA LEU A 332 2.78 3.57 -20.84
C LEU A 332 3.63 3.20 -22.04
N LEU A 333 4.25 2.02 -22.00
CA LEU A 333 5.15 1.61 -23.08
C LEU A 333 4.38 1.22 -24.34
N TYR A 334 3.17 0.69 -24.20
CA TYR A 334 2.35 0.31 -25.34
C TYR A 334 0.90 0.62 -25.04
N LYS A 335 0.29 1.44 -25.89
CA LYS A 335 -1.14 1.73 -25.81
C LYS A 335 -1.91 0.63 -26.54
N ALA A 336 -2.90 0.05 -25.87
CA ALA A 336 -3.61 -1.09 -26.42
C ALA A 336 -4.23 -0.75 -27.78
N ASN A 337 -4.30 -1.76 -28.64
CA ASN A 337 -4.88 -1.68 -29.98
C ASN A 337 -4.05 -0.80 -30.92
N SER A 338 -2.79 -0.53 -30.59
CA SER A 338 -1.95 0.25 -31.47
C SER A 338 -1.37 -0.65 -32.57
N PRO A 339 -1.58 -0.32 -33.84
CA PRO A 339 -1.06 -1.17 -34.91
C PRO A 339 0.45 -1.08 -35.02
N VAL A 340 1.05 -2.19 -35.44
CA VAL A 340 2.47 -2.27 -35.75
C VAL A 340 2.56 -3.08 -37.05
N THR A 341 2.81 -2.39 -38.17
CA THR A 341 2.83 -3.00 -39.48
C THR A 341 4.26 -3.23 -39.95
N ILE A 342 4.50 -4.37 -40.60
CA ILE A 342 5.79 -4.68 -41.21
C ILE A 342 5.55 -5.34 -42.56
N SER A 343 6.62 -5.45 -43.34
CA SER A 343 6.54 -6.14 -44.63
C SER A 343 6.45 -7.65 -44.43
N ALA A 344 5.54 -8.28 -45.18
CA ALA A 344 5.33 -9.71 -45.07
C ALA A 344 6.15 -10.52 -46.08
N ASP A 345 7.02 -9.87 -46.86
CA ASP A 345 7.77 -10.60 -47.87
C ASP A 345 8.78 -11.55 -47.26
N ASN A 346 9.37 -11.17 -46.12
CA ASN A 346 10.44 -11.97 -45.55
C ASN A 346 9.93 -13.23 -44.89
N ILE A 347 8.69 -13.24 -44.42
CA ILE A 347 8.19 -14.44 -43.73
C ILE A 347 8.06 -15.57 -44.75
N PRO A 348 8.40 -16.81 -44.40
CA PRO A 348 8.44 -17.87 -45.41
C PRO A 348 7.06 -18.20 -45.96
N ASN A 349 7.06 -18.67 -47.21
CA ASN A 349 5.87 -19.11 -47.95
C ASN A 349 4.85 -18.00 -48.19
N ALA A 350 5.22 -16.74 -48.00
CA ALA A 350 4.27 -15.64 -48.08
C ALA A 350 4.22 -15.01 -49.46
N LYS A 351 3.04 -14.52 -49.83
CA LYS A 351 2.90 -13.76 -51.06
C LYS A 351 3.62 -12.41 -50.92
N ALA A 352 4.18 -11.94 -52.03
CA ALA A 352 5.09 -10.78 -51.95
C ALA A 352 4.35 -9.45 -51.81
N GLY A 353 3.07 -9.39 -52.16
CA GLY A 353 2.39 -8.10 -52.18
C GLY A 353 1.93 -7.61 -50.81
N GLN A 354 1.71 -8.53 -49.88
CA GLN A 354 0.94 -8.18 -48.69
C GLN A 354 1.83 -7.67 -47.55
N LYS A 355 1.18 -7.03 -46.58
CA LYS A 355 1.81 -6.56 -45.36
C LYS A 355 1.05 -7.11 -44.16
N LEU A 356 1.71 -7.13 -43.00
CA LEU A 356 1.15 -7.70 -41.79
C LEU A 356 1.13 -6.66 -40.69
N THR A 357 -0.06 -6.42 -40.13
CA THR A 357 -0.25 -5.56 -38.96
C THR A 357 -0.59 -6.42 -37.76
N VAL A 358 0.02 -6.11 -36.62
CA VAL A 358 -0.20 -6.84 -35.38
C VAL A 358 -0.57 -5.84 -34.29
N ALA A 359 -1.26 -6.33 -33.27
CA ALA A 359 -1.70 -5.51 -32.15
C ALA A 359 -2.13 -6.42 -31.01
N SER A 360 -2.16 -5.85 -29.81
CA SER A 360 -2.67 -6.51 -28.62
C SER A 360 -3.74 -5.65 -27.97
N ASN A 361 -4.76 -6.29 -27.41
CA ASN A 361 -5.80 -5.55 -26.70
C ASN A 361 -5.37 -5.11 -25.31
N GLN A 362 -4.15 -5.45 -24.89
CA GLN A 362 -3.65 -5.12 -23.57
C GLN A 362 -2.74 -3.90 -23.63
N ASN A 363 -2.66 -3.18 -22.51
CA ASN A 363 -1.66 -2.14 -22.36
C ASN A 363 -0.34 -2.75 -21.89
N ILE A 364 0.72 -1.97 -22.02
CA ILE A 364 1.96 -2.19 -21.29
C ILE A 364 2.20 -0.93 -20.47
N TYR A 365 1.77 -0.96 -19.21
CA TYR A 365 1.95 0.15 -18.28
C TYR A 365 2.85 -0.37 -17.17
N LYS A 366 4.09 0.10 -17.14
CA LYS A 366 5.13 -0.50 -16.32
C LYS A 366 5.88 0.53 -15.50
N THR A 367 6.34 0.11 -14.33
CA THR A 367 7.23 0.91 -13.49
C THR A 367 8.67 0.55 -13.86
N VAL A 368 9.38 1.52 -14.45
CA VAL A 368 10.73 1.26 -14.97
C VAL A 368 11.66 2.34 -14.43
N PRO A 369 12.97 2.07 -14.40
CA PRO A 369 13.92 3.09 -13.95
C PRO A 369 13.84 4.34 -14.82
N LYS A 370 13.95 5.50 -14.17
CA LYS A 370 13.96 6.76 -14.90
C LYS A 370 15.06 6.79 -15.95
N THR A 371 16.21 6.18 -15.65
CA THR A 371 17.34 6.20 -16.55
C THR A 371 17.13 5.33 -17.79
N TYR A 372 16.16 4.40 -17.75
CA TYR A 372 15.88 3.57 -18.91
C TYR A 372 15.03 4.28 -19.96
N VAL A 373 14.20 5.22 -19.53
CA VAL A 373 13.07 5.66 -20.37
C VAL A 373 13.51 6.16 -21.75
N PRO A 374 14.47 7.08 -21.88
CA PRO A 374 14.82 7.56 -23.23
C PRO A 374 15.48 6.50 -24.12
N TYR A 375 15.75 5.30 -23.61
CA TYR A 375 16.45 4.26 -24.37
C TYR A 375 15.57 3.06 -24.70
N LEU A 376 14.28 3.10 -24.36
CA LEU A 376 13.40 1.98 -24.64
C LEU A 376 12.97 1.98 -26.10
N LYS A 377 12.76 0.78 -26.64
CA LYS A 377 12.40 0.62 -28.05
C LYS A 377 11.36 -0.49 -28.18
N GLN A 378 10.32 -0.23 -28.98
CA GLN A 378 9.31 -1.24 -29.28
C GLN A 378 9.82 -2.18 -30.37
N GLY A 379 9.58 -3.46 -30.18
CA GLY A 379 9.97 -4.46 -31.16
C GLY A 379 8.98 -5.60 -31.19
N ILE A 380 8.87 -6.22 -32.37
CA ILE A 380 8.03 -7.40 -32.57
C ILE A 380 8.95 -8.60 -32.70
N GLU A 381 8.87 -9.53 -31.75
CA GLU A 381 9.57 -10.80 -31.83
C GLU A 381 8.60 -11.85 -32.36
N PHE A 382 8.78 -12.24 -33.63
CA PHE A 382 7.89 -13.22 -34.21
C PHE A 382 8.28 -14.63 -33.78
N ASN A 383 7.31 -15.53 -33.85
CA ASN A 383 7.60 -16.95 -33.74
C ASN A 383 8.55 -17.31 -34.88
N PRO A 384 9.73 -17.87 -34.60
CA PRO A 384 10.68 -18.14 -35.69
C PRO A 384 10.17 -19.14 -36.71
N ASN A 385 9.17 -19.95 -36.36
CA ASN A 385 8.58 -20.92 -37.28
C ASN A 385 7.28 -20.41 -37.89
N LEU A 386 7.15 -19.11 -38.07
CA LEU A 386 5.94 -18.51 -38.63
C LEU A 386 6.04 -18.50 -40.14
N ASN A 387 5.09 -19.16 -40.80
CA ASN A 387 5.00 -19.13 -42.25
C ASN A 387 3.55 -18.95 -42.66
N ALA A 388 3.35 -18.47 -43.88
CA ALA A 388 2.00 -18.30 -44.40
C ALA A 388 1.37 -19.66 -44.68
N PRO A 389 0.03 -19.78 -44.53
CA PRO A 389 -0.93 -18.73 -44.22
C PRO A 389 -1.06 -18.38 -42.73
N ILE A 390 -1.49 -17.14 -42.46
CA ILE A 390 -1.80 -16.66 -41.12
C ILE A 390 -3.17 -15.98 -41.17
N LYS A 391 -4.02 -16.27 -40.20
CA LYS A 391 -5.36 -15.71 -40.17
C LYS A 391 -5.44 -14.54 -39.18
N THR A 392 -6.39 -13.64 -39.43
CA THR A 392 -6.68 -12.57 -38.50
C THR A 392 -7.06 -13.13 -37.13
N GLY A 393 -6.41 -12.64 -36.09
CA GLY A 393 -6.63 -13.15 -34.75
C GLY A 393 -5.72 -14.29 -34.36
N GLN A 394 -4.76 -14.65 -35.20
CA GLN A 394 -3.77 -15.67 -34.86
C GLN A 394 -2.59 -15.03 -34.15
N THR A 395 -2.09 -15.71 -33.11
CA THR A 395 -0.95 -15.21 -32.35
C THR A 395 0.33 -15.48 -33.13
N VAL A 396 1.06 -14.42 -33.45
CA VAL A 396 2.25 -14.51 -34.29
C VAL A 396 3.55 -14.23 -33.52
N GLY A 397 3.46 -13.75 -32.30
CA GLY A 397 4.68 -13.47 -31.54
C GLY A 397 4.39 -12.54 -30.38
N ASN A 398 5.44 -11.82 -29.97
CA ASN A 398 5.38 -10.92 -28.83
C ASN A 398 5.79 -9.52 -29.27
N LEU A 399 5.08 -8.51 -28.75
CA LEU A 399 5.60 -7.15 -28.77
C LEU A 399 6.58 -7.01 -27.62
N VAL A 400 7.77 -6.50 -27.91
CA VAL A 400 8.87 -6.52 -26.97
C VAL A 400 9.38 -5.10 -26.76
N ILE A 401 9.62 -4.74 -25.50
CA ILE A 401 10.27 -3.49 -25.13
C ILE A 401 11.69 -3.84 -24.69
N THR A 402 12.68 -3.34 -25.43
CA THR A 402 14.07 -3.61 -25.13
C THR A 402 14.78 -2.35 -24.67
N LEU A 403 15.92 -2.53 -24.00
CA LEU A 403 16.70 -1.42 -23.46
C LEU A 403 17.79 -1.08 -24.47
N GLY A 404 17.58 -0.01 -25.24
CA GLY A 404 18.56 0.40 -26.21
C GLY A 404 18.64 -0.54 -27.39
N ASP A 405 19.84 -0.66 -27.95
CA ASP A 405 20.08 -1.56 -29.07
C ASP A 405 20.47 -2.96 -28.63
N THR A 406 20.24 -3.30 -27.35
CA THR A 406 20.55 -4.62 -26.84
C THR A 406 19.32 -5.53 -26.95
N LYS A 407 19.53 -6.81 -26.67
CA LYS A 407 18.47 -7.80 -26.70
C LYS A 407 17.77 -7.96 -25.34
N GLU A 408 18.22 -7.25 -24.32
CA GLU A 408 17.59 -7.32 -23.01
C GLU A 408 16.15 -6.79 -23.06
N GLU A 409 15.23 -7.53 -22.45
CA GLU A 409 13.81 -7.25 -22.55
C GLU A 409 13.29 -6.66 -21.25
N ILE A 410 12.59 -5.53 -21.37
CA ILE A 410 11.94 -4.89 -20.23
C ILE A 410 10.51 -5.39 -20.07
N ALA A 411 9.77 -5.46 -21.17
CA ALA A 411 8.41 -5.95 -21.17
C ALA A 411 8.19 -6.82 -22.41
N SER A 412 7.26 -7.76 -22.29
CA SER A 412 6.93 -8.66 -23.40
C SER A 412 5.45 -9.00 -23.31
N ILE A 413 4.75 -8.85 -24.43
CA ILE A 413 3.31 -9.11 -24.45
C ILE A 413 2.95 -9.83 -25.75
N PRO A 414 2.15 -10.90 -25.70
CA PRO A 414 1.78 -11.59 -26.93
C PRO A 414 0.95 -10.70 -27.84
N VAL A 415 1.24 -10.80 -29.14
CA VAL A 415 0.62 -9.95 -30.15
C VAL A 415 -0.09 -10.83 -31.16
N VAL A 416 -1.15 -10.30 -31.74
CA VAL A 416 -2.06 -11.08 -32.56
C VAL A 416 -2.16 -10.43 -33.94
N ALA A 417 -2.51 -11.25 -34.94
CA ALA A 417 -2.56 -10.78 -36.32
C ALA A 417 -3.84 -10.01 -36.58
N MET A 418 -3.70 -8.86 -37.25
CA MET A 418 -4.83 -8.07 -37.68
C MET A 418 -5.05 -8.14 -39.19
N ASN A 419 -4.13 -8.76 -39.94
CA ASN A 419 -4.25 -8.95 -41.38
C ASN A 419 -4.29 -10.45 -41.70
N ASN A 420 -4.36 -10.74 -42.98
CA ASN A 420 -4.21 -12.08 -43.52
C ASN A 420 -3.04 -12.09 -44.49
N VAL A 421 -2.30 -13.20 -44.52
CA VAL A 421 -1.25 -13.40 -45.50
C VAL A 421 -1.51 -14.72 -46.21
N SER A 422 -1.39 -14.69 -47.54
CA SER A 422 -1.70 -15.84 -48.39
C SER A 422 -0.40 -16.50 -48.83
N GLN A 423 -0.34 -17.82 -48.70
CA GLN A 423 0.86 -18.54 -49.11
C GLN A 423 0.92 -18.63 -50.63
N LYS A 424 2.14 -18.78 -51.15
CA LYS A 424 2.35 -18.87 -52.59
C LYS A 424 2.22 -20.31 -53.06
#